data_6CQ9
#
_entry.id   6CQ9
#
_cell.length_a   67.091
_cell.length_b   119.565
_cell.length_c   127.215
_cell.angle_alpha   90.00
_cell.angle_beta   90.00
_cell.angle_gamma   90.00
#
_symmetry.space_group_name_H-M   'P 21 21 21'
#
loop_
_entity.id
_entity.type
_entity.pdbx_description
1 polymer 'Potassium channel subfamily K member 2'
2 non-polymer 'POTASSIUM ION'
3 non-polymer N-[2-(4-chloro-2-methylphenoxy)ethyl]thiophene-2-carboxamide
4 non-polymer HEXADECANE
5 non-polymer N-((E,2S,3R)-1,3-DIHYDROXYOCTADEC-4-EN-2-YL)PALMITAMIDE
6 non-polymer 'CADMIUM ION'
#
_entity_poly.entity_id   1
_entity_poly.type   'polypeptide(L)'
_entity_poly.pdbx_seq_one_letter_code
;MSFSSKPTVLASRVESDSAINVMKWKTVSTIFLVVVLYLIIGATVFKALEQPQEISQRTTIVIQREKFLRAHPCVSDQEL
DELIQQIVAAINAGIIPLGASSNQVSHWDLGSSFFFAGTVITTIGFGNISPRTEGGKIFCIIYALLGIPLFGFLLAGVGD
QLGTIFGKGIAKVEDTFIKWNVSQTKIRIISTIIFILFGCVLFVALPAVIFKHIEGWSALDAIYFVVITLTTIGFGDYVA
GGSDIEYLDFYKPVVWFWILVGLAYFAAVLSMIGDWLRVIAKKTKEAVGEFRAHAAEWTANVTSNSLEVLFQ
;
_entity_poly.pdbx_strand_id   A,B
#
# COMPACT_ATOMS: atom_id res chain seq x y z
N SER A 16 -37.32 5.82 15.90
CA SER A 16 -37.21 4.60 15.09
C SER A 16 -35.77 4.31 14.71
N ASP A 17 -35.20 3.23 15.28
CA ASP A 17 -33.80 2.90 15.06
C ASP A 17 -33.56 2.43 13.63
N SER A 18 -34.45 1.59 13.09
CA SER A 18 -34.31 1.09 11.72
C SER A 18 -34.44 2.21 10.69
N ALA A 19 -35.04 3.34 11.07
CA ALA A 19 -35.12 4.46 10.13
C ALA A 19 -33.79 5.16 9.98
N ILE A 20 -33.06 5.35 11.09
CA ILE A 20 -31.72 5.94 11.04
C ILE A 20 -30.78 5.03 10.24
N ASN A 21 -30.90 3.72 10.42
CA ASN A 21 -30.07 2.76 9.69
C ASN A 21 -30.41 2.75 8.20
N VAL A 22 -31.67 3.01 7.84
CA VAL A 22 -32.02 3.12 6.41
C VAL A 22 -31.38 4.36 5.80
N MET A 23 -31.25 5.44 6.59
CA MET A 23 -30.55 6.62 6.10
C MET A 23 -29.07 6.34 5.89
N LYS A 24 -28.47 5.56 6.79
CA LYS A 24 -27.05 5.23 6.63
C LYS A 24 -26.80 4.36 5.41
N TRP A 25 -27.59 3.29 5.23
CA TRP A 25 -27.34 2.44 4.08
C TRP A 25 -27.60 3.16 2.78
N LYS A 26 -28.50 4.14 2.76
CA LYS A 26 -28.69 4.95 1.57
C LYS A 26 -27.44 5.78 1.28
N THR A 27 -26.81 6.30 2.33
CA THR A 27 -25.56 7.06 2.14
C THR A 27 -24.43 6.16 1.66
N VAL A 28 -24.23 5.03 2.33
CA VAL A 28 -23.18 4.10 1.92
C VAL A 28 -23.38 3.68 0.47
N SER A 29 -24.61 3.28 0.12
CA SER A 29 -24.87 2.75 -1.21
C SER A 29 -24.58 3.77 -2.31
N THR A 30 -24.82 4.97 -2.16
CA THR A 30 -24.49 5.98 -3.17
C THR A 30 -22.98 6.11 -3.33
N ILE A 31 -22.27 6.28 -2.21
CA ILE A 31 -20.82 6.38 -2.27
C ILE A 31 -20.23 5.12 -2.92
N PHE A 32 -20.76 3.95 -2.57
CA PHE A 32 -20.36 2.72 -3.24
C PHE A 32 -20.41 2.87 -4.75
N LEU A 33 -21.55 3.32 -5.27
CA LEU A 33 -21.69 3.49 -6.71
C LEU A 33 -20.73 4.53 -7.25
N VAL A 34 -20.57 5.65 -6.53
CA VAL A 34 -19.58 6.66 -6.93
C VAL A 34 -18.20 6.01 -7.04
N VAL A 35 -17.87 5.11 -6.11
CA VAL A 35 -16.60 4.41 -6.18
C VAL A 35 -16.59 3.45 -7.37
N VAL A 36 -17.59 2.57 -7.44
CA VAL A 36 -17.69 1.65 -8.58
C VAL A 36 -17.63 2.42 -9.89
N LEU A 37 -18.32 3.56 -9.95
CA LEU A 37 -18.25 4.40 -11.14
C LEU A 37 -16.86 5.00 -11.30
N TYR A 38 -16.23 5.40 -10.19
CA TYR A 38 -14.88 5.94 -10.26
C TYR A 38 -13.91 4.89 -10.78
N LEU A 39 -14.13 3.63 -10.41
CA LEU A 39 -13.28 2.54 -10.89
C LEU A 39 -13.46 2.34 -12.39
N ILE A 40 -14.70 2.29 -12.85
CA ILE A 40 -14.96 2.05 -14.27
C ILE A 40 -14.32 3.14 -15.12
N ILE A 41 -14.47 4.40 -14.71
CA ILE A 41 -13.86 5.50 -15.46
C ILE A 41 -12.36 5.31 -15.54
N GLY A 42 -11.71 5.14 -14.38
CA GLY A 42 -10.26 4.97 -14.37
C GLY A 42 -9.81 3.75 -15.16
N ALA A 43 -10.50 2.63 -14.98
CA ALA A 43 -10.11 1.41 -15.68
C ALA A 43 -10.04 1.63 -17.19
N THR A 44 -10.99 2.40 -17.74
CA THR A 44 -10.98 2.67 -19.16
C THR A 44 -9.87 3.64 -19.55
N VAL A 45 -9.59 4.63 -18.69
CA VAL A 45 -8.55 5.61 -19.01
C VAL A 45 -7.18 4.94 -19.02
N PHE A 46 -6.93 4.06 -18.05
CA PHE A 46 -5.64 3.37 -18.01
C PHE A 46 -5.45 2.48 -19.24
N LYS A 47 -6.42 1.61 -19.52
CA LYS A 47 -6.30 0.76 -20.70
C LYS A 47 -6.12 1.59 -21.96
N ALA A 48 -6.83 2.73 -22.04
CA ALA A 48 -6.63 3.62 -23.18
C ALA A 48 -5.18 4.09 -23.26
N LEU A 49 -4.57 4.38 -22.12
CA LEU A 49 -3.20 4.90 -22.11
C LEU A 49 -2.17 3.78 -22.22
N GLU A 50 -2.39 2.67 -21.52
CA GLU A 50 -1.39 1.62 -21.43
C GLU A 50 -1.52 0.56 -22.53
N GLN A 51 -2.73 0.34 -23.04
CA GLN A 51 -2.94 -0.69 -24.05
C GLN A 51 -1.99 -0.57 -25.23
N PRO A 52 -1.87 0.59 -25.89
CA PRO A 52 -0.98 0.67 -27.06
C PRO A 52 0.46 0.31 -26.76
N GLN A 53 1.04 0.91 -25.71
CA GLN A 53 2.43 0.62 -25.35
C GLN A 53 2.64 -0.88 -25.16
N GLU A 54 1.65 -1.58 -24.62
CA GLU A 54 1.78 -3.02 -24.41
C GLU A 54 1.94 -3.74 -25.75
N ILE A 55 1.22 -3.29 -26.78
CA ILE A 55 1.30 -3.96 -28.07
C ILE A 55 2.65 -3.72 -28.73
N SER A 56 3.05 -2.45 -28.86
CA SER A 56 4.35 -2.15 -29.45
C SER A 56 5.48 -2.80 -28.67
N GLN A 57 5.44 -2.70 -27.33
CA GLN A 57 6.46 -3.34 -26.51
C GLN A 57 6.38 -4.85 -26.61
N ARG A 58 5.19 -5.42 -26.74
CA ARG A 58 5.04 -6.86 -26.88
C ARG A 58 5.34 -7.34 -28.30
N THR A 59 5.24 -6.45 -29.29
CA THR A 59 5.64 -6.82 -30.65
C THR A 59 7.15 -6.72 -30.83
N THR A 60 7.78 -5.71 -30.21
CA THR A 60 9.23 -5.57 -30.33
C THR A 60 9.95 -6.70 -29.60
N ILE A 61 9.42 -7.14 -28.47
CA ILE A 61 10.02 -8.29 -27.78
C ILE A 61 9.94 -9.52 -28.65
N VAL A 62 8.89 -9.64 -29.47
CA VAL A 62 8.78 -10.76 -30.39
C VAL A 62 9.86 -10.67 -31.46
N ILE A 63 10.14 -9.45 -31.95
CA ILE A 63 11.19 -9.27 -32.93
C ILE A 63 12.55 -9.64 -32.34
N GLN A 64 12.68 -9.54 -31.02
CA GLN A 64 13.96 -9.83 -30.38
C GLN A 64 14.20 -11.33 -30.22
N ARG A 65 13.14 -12.12 -30.01
CA ARG A 65 13.30 -13.57 -30.02
C ARG A 65 13.67 -14.05 -31.41
N GLU A 66 12.90 -13.64 -32.42
CA GLU A 66 13.14 -14.08 -33.79
C GLU A 66 14.52 -13.64 -34.28
N LYS A 67 14.99 -12.48 -33.82
CA LYS A 67 16.30 -11.98 -34.22
C LYS A 67 17.43 -12.73 -33.53
N PHE A 68 17.19 -13.26 -32.34
CA PHE A 68 18.24 -13.96 -31.61
C PHE A 68 18.51 -15.34 -32.21
N LEU A 69 17.46 -16.04 -32.63
CA LEU A 69 17.66 -17.35 -33.26
C LEU A 69 18.18 -17.20 -34.69
N ARG A 70 17.78 -16.14 -35.39
CA ARG A 70 18.32 -15.89 -36.73
C ARG A 70 19.77 -15.44 -36.66
N ALA A 71 20.05 -14.42 -35.83
CA ALA A 71 21.40 -13.89 -35.76
C ALA A 71 22.40 -14.96 -35.30
N HIS A 72 21.99 -15.80 -34.35
CA HIS A 72 22.87 -16.84 -33.81
C HIS A 72 22.32 -18.22 -34.15
N PRO A 73 22.84 -18.90 -35.18
CA PRO A 73 22.48 -20.30 -35.37
C PRO A 73 22.87 -21.18 -34.20
N CYS A 74 23.72 -20.68 -33.31
CA CYS A 74 24.20 -21.47 -32.19
C CYS A 74 23.06 -21.90 -31.28
N VAL A 75 22.10 -21.01 -31.07
CA VAL A 75 20.98 -21.27 -30.17
C VAL A 75 19.75 -21.65 -30.98
N SER A 76 18.96 -22.57 -30.45
CA SER A 76 17.72 -23.03 -31.06
C SER A 76 16.57 -22.82 -30.10
N ASP A 77 15.38 -23.26 -30.52
CA ASP A 77 14.19 -23.13 -29.66
C ASP A 77 14.25 -24.09 -28.48
N GLN A 78 14.95 -25.21 -28.62
CA GLN A 78 15.01 -26.18 -27.53
C GLN A 78 15.80 -25.65 -26.34
N GLU A 79 16.90 -24.94 -26.60
CA GLU A 79 17.69 -24.37 -25.51
C GLU A 79 17.09 -23.06 -24.99
N LEU A 80 16.42 -22.30 -25.85
CA LEU A 80 15.92 -20.99 -25.44
C LEU A 80 14.76 -21.10 -24.46
N ASP A 81 13.83 -22.02 -24.73
CA ASP A 81 12.71 -22.19 -23.80
C ASP A 81 13.20 -22.66 -22.43
N GLU A 82 14.12 -23.61 -22.42
CA GLU A 82 14.72 -24.03 -21.15
C GLU A 82 15.40 -22.85 -20.46
N LEU A 83 16.01 -21.96 -21.24
CA LEU A 83 16.60 -20.76 -20.67
C LEU A 83 15.53 -19.87 -20.03
N ILE A 84 14.43 -19.64 -20.75
CA ILE A 84 13.39 -18.76 -20.24
C ILE A 84 12.82 -19.29 -18.93
N GLN A 85 12.70 -20.62 -18.83
CA GLN A 85 12.20 -21.22 -17.60
C GLN A 85 13.09 -20.90 -16.42
N GLN A 86 14.40 -20.84 -16.64
CA GLN A 86 15.33 -20.53 -15.55
C GLN A 86 15.21 -19.07 -15.13
N ILE A 87 15.05 -18.16 -16.09
CA ILE A 87 14.93 -16.74 -15.76
C ILE A 87 13.63 -16.48 -14.99
N VAL A 88 12.54 -17.15 -15.38
CA VAL A 88 11.29 -16.99 -14.65
C VAL A 88 11.46 -17.41 -13.20
N ALA A 89 12.12 -18.55 -12.97
CA ALA A 89 12.43 -18.95 -11.60
C ALA A 89 13.32 -17.92 -10.91
N ALA A 90 14.25 -17.32 -11.65
CA ALA A 90 15.07 -16.27 -11.09
C ALA A 90 14.25 -15.09 -10.61
N ILE A 91 13.03 -14.91 -11.15
CA ILE A 91 12.15 -13.87 -10.65
C ILE A 91 11.74 -14.15 -9.21
N ASN A 92 11.62 -15.42 -8.84
CA ASN A 92 11.25 -15.75 -7.47
C ASN A 92 12.38 -15.42 -6.49
N ALA A 93 13.63 -15.55 -6.92
CA ALA A 93 14.76 -15.21 -6.05
C ALA A 93 15.08 -13.71 -6.13
N GLY A 94 15.39 -13.22 -7.33
CA GLY A 94 15.74 -11.82 -7.50
C GLY A 94 16.20 -11.49 -8.91
N SER A 106 23.88 -9.29 -2.16
CA SER A 106 22.80 -9.73 -1.28
C SER A 106 21.84 -8.60 -0.94
N HIS A 107 20.56 -8.82 -1.21
CA HIS A 107 19.51 -7.89 -0.84
C HIS A 107 18.83 -8.25 0.47
N TRP A 108 19.27 -9.31 1.15
CA TRP A 108 18.84 -9.62 2.50
C TRP A 108 19.91 -9.33 3.54
N ASP A 109 20.91 -8.52 3.20
CA ASP A 109 21.96 -8.19 4.13
C ASP A 109 21.40 -7.28 5.24
N LEU A 110 22.28 -6.89 6.16
CA LEU A 110 21.85 -6.09 7.31
C LEU A 110 21.13 -4.82 6.87
N GLY A 111 21.61 -4.18 5.80
CA GLY A 111 21.06 -2.90 5.39
C GLY A 111 19.75 -3.00 4.66
N SER A 112 19.60 -4.00 3.79
CA SER A 112 18.39 -4.13 2.99
C SER A 112 17.22 -4.64 3.82
N SER A 113 17.48 -5.56 4.75
CA SER A 113 16.40 -6.05 5.61
C SER A 113 15.83 -4.91 6.46
N PHE A 114 16.71 -4.11 7.07
CA PHE A 114 16.25 -2.91 7.78
C PHE A 114 15.38 -2.06 6.88
N PHE A 115 15.70 -2.01 5.58
CA PHE A 115 14.82 -1.39 4.61
C PHE A 115 13.51 -2.14 4.50
N PHE A 116 13.58 -3.47 4.36
CA PHE A 116 12.37 -4.28 4.26
C PHE A 116 11.43 -4.02 5.43
N ALA A 117 11.97 -4.05 6.65
CA ALA A 117 11.14 -3.80 7.83
C ALA A 117 10.41 -2.48 7.71
N GLY A 118 11.10 -1.43 7.29
CA GLY A 118 10.45 -0.15 7.09
C GLY A 118 9.26 -0.23 6.15
N THR A 119 9.46 -0.91 5.01
CA THR A 119 8.36 -1.09 4.06
C THR A 119 7.20 -1.86 4.70
N VAL A 120 7.49 -2.75 5.64
CA VAL A 120 6.44 -3.57 6.24
C VAL A 120 5.58 -2.74 7.19
N ILE A 121 6.22 -2.03 8.13
CA ILE A 121 5.45 -1.31 9.15
C ILE A 121 4.83 -0.02 8.63
N THR A 122 5.24 0.45 7.46
CA THR A 122 4.64 1.63 6.84
C THR A 122 3.54 1.27 5.84
N THR A 123 3.32 -0.02 5.60
CA THR A 123 2.35 -0.50 4.61
C THR A 123 2.64 0.00 3.21
N ILE A 124 3.87 0.45 2.95
CA ILE A 124 4.28 0.75 1.59
C ILE A 124 4.48 -0.53 0.81
N GLY A 125 5.29 -1.45 1.33
CA GLY A 125 5.44 -2.76 0.76
C GLY A 125 5.78 -2.77 -0.72
N PHE A 126 6.92 -2.19 -1.10
CA PHE A 126 7.35 -2.23 -2.49
C PHE A 126 7.38 -3.66 -3.02
N GLY A 127 7.68 -4.63 -2.15
CA GLY A 127 7.62 -6.03 -2.51
C GLY A 127 8.76 -6.54 -3.37
N ASN A 128 9.60 -5.66 -3.92
CA ASN A 128 10.74 -6.11 -4.69
C ASN A 128 11.56 -7.14 -3.91
N ILE A 129 11.64 -6.99 -2.60
CA ILE A 129 12.29 -7.96 -1.73
C ILE A 129 11.25 -8.38 -0.70
N SER A 130 10.84 -9.66 -0.75
CA SER A 130 9.84 -10.18 0.17
C SER A 130 10.31 -11.50 0.75
N PRO A 131 9.80 -11.88 1.91
CA PRO A 131 10.25 -13.13 2.54
C PRO A 131 9.84 -14.32 1.69
N ARG A 132 10.83 -15.16 1.37
CA ARG A 132 10.60 -16.37 0.61
C ARG A 132 10.61 -17.62 1.47
N THR A 133 10.87 -17.47 2.78
CA THR A 133 10.93 -18.59 3.70
C THR A 133 9.59 -18.74 4.42
N GLU A 134 9.18 -19.99 4.64
CA GLU A 134 7.98 -20.24 5.42
C GLU A 134 8.06 -19.59 6.79
N GLY A 135 9.25 -19.52 7.37
CA GLY A 135 9.44 -18.88 8.65
C GLY A 135 9.42 -17.36 8.55
N GLY A 136 10.12 -16.81 7.56
CA GLY A 136 10.08 -15.37 7.36
C GLY A 136 8.69 -14.86 7.06
N LYS A 137 7.86 -15.69 6.42
CA LYS A 137 6.47 -15.31 6.20
C LYS A 137 5.71 -15.23 7.51
N ILE A 138 5.95 -16.17 8.42
CA ILE A 138 5.27 -16.17 9.71
C ILE A 138 5.72 -14.97 10.56
N PHE A 139 7.03 -14.73 10.60
CA PHE A 139 7.52 -13.58 11.37
C PHE A 139 7.06 -12.26 10.74
N CYS A 140 6.98 -12.21 9.41
CA CYS A 140 6.48 -11.01 8.76
C CYS A 140 5.05 -10.71 9.19
N ILE A 141 4.20 -11.74 9.18
CA ILE A 141 2.81 -11.57 9.62
C ILE A 141 2.77 -10.96 11.02
N ILE A 142 3.39 -11.64 11.98
CA ILE A 142 3.42 -11.12 13.35
C ILE A 142 4.05 -9.74 13.38
N TYR A 143 5.25 -9.61 12.80
CA TYR A 143 5.95 -8.33 12.80
C TYR A 143 5.06 -7.21 12.26
N ALA A 144 4.31 -7.49 11.19
CA ALA A 144 3.46 -6.47 10.60
C ALA A 144 2.29 -6.12 11.52
N LEU A 145 1.60 -7.14 12.04
CA LEU A 145 0.46 -6.87 12.92
C LEU A 145 0.86 -6.06 14.13
N LEU A 146 2.07 -6.30 14.67
CA LEU A 146 2.55 -5.50 15.78
C LEU A 146 3.20 -4.21 15.31
N GLY A 147 3.88 -4.25 14.17
CA GLY A 147 4.62 -3.08 13.71
C GLY A 147 3.71 -1.95 13.26
N ILE A 148 2.75 -2.26 12.38
CA ILE A 148 1.93 -1.20 11.77
C ILE A 148 1.26 -0.34 12.82
N PRO A 149 0.55 -0.85 13.83
CA PRO A 149 0.00 0.03 14.86
C PRO A 149 1.06 0.83 15.59
N LEU A 150 2.15 0.19 16.01
CA LEU A 150 3.26 0.90 16.65
C LEU A 150 3.66 2.11 15.82
N PHE A 151 4.03 1.89 14.56
CA PHE A 151 4.44 3.00 13.70
C PHE A 151 3.38 4.09 13.65
N GLY A 152 2.10 3.70 13.70
CA GLY A 152 1.04 4.68 13.63
C GLY A 152 1.15 5.73 14.73
N PHE A 153 1.49 5.30 15.94
CA PHE A 153 1.70 6.25 17.03
C PHE A 153 2.82 7.23 16.68
N LEU A 154 3.98 6.71 16.28
CA LEU A 154 5.06 7.57 15.82
C LEU A 154 4.57 8.54 14.75
N LEU A 155 4.00 8.01 13.68
CA LEU A 155 3.51 8.86 12.60
C LEU A 155 2.53 9.91 13.13
N ALA A 156 1.76 9.57 14.16
CA ALA A 156 0.87 10.55 14.76
C ALA A 156 1.65 11.68 15.42
N GLY A 157 2.65 11.33 16.23
CA GLY A 157 3.44 12.34 16.90
C GLY A 157 4.22 13.20 15.91
N VAL A 158 4.93 12.56 14.99
CA VAL A 158 5.66 13.31 13.96
C VAL A 158 4.73 14.28 13.25
N GLY A 159 3.55 13.80 12.85
CA GLY A 159 2.59 14.69 12.22
C GLY A 159 2.14 15.81 13.14
N ASP A 160 1.88 15.48 14.41
CA ASP A 160 1.51 16.52 15.37
C ASP A 160 2.60 17.57 15.48
N GLN A 161 3.85 17.14 15.66
CA GLN A 161 4.97 18.07 15.70
C GLN A 161 4.97 18.96 14.47
N LEU A 162 4.98 18.35 13.28
CA LEU A 162 5.02 19.13 12.06
C LEU A 162 3.81 20.07 11.96
N GLY A 163 2.65 19.63 12.45
CA GLY A 163 1.48 20.49 12.39
C GLY A 163 1.62 21.72 13.26
N THR A 164 2.20 21.57 14.45
CA THR A 164 2.43 22.72 15.32
C THR A 164 3.51 23.62 14.77
N ILE A 165 4.59 23.03 14.24
CA ILE A 165 5.61 23.83 13.56
C ILE A 165 4.97 24.73 12.51
N PHE A 166 4.07 24.16 11.71
CA PHE A 166 3.32 24.96 10.74
C PHE A 166 2.49 26.03 11.42
N GLY A 167 1.98 25.75 12.62
CA GLY A 167 1.18 26.75 13.32
C GLY A 167 1.98 27.99 13.67
N LYS A 168 3.21 27.79 14.16
CA LYS A 168 4.08 28.94 14.44
C LYS A 168 4.34 29.76 13.19
N GLY A 169 4.44 29.11 12.03
CA GLY A 169 4.73 29.83 10.81
C GLY A 169 3.59 30.74 10.38
N ILE A 170 2.36 30.22 10.41
CA ILE A 170 1.22 31.02 9.99
C ILE A 170 0.89 32.10 11.00
N ALA A 171 1.25 31.91 12.27
CA ALA A 171 1.06 32.96 13.26
C ALA A 171 1.87 34.20 12.88
N LYS A 172 3.10 34.01 12.41
CA LYS A 172 3.89 35.14 11.94
C LYS A 172 3.27 35.79 10.72
N VAL A 173 2.64 34.98 9.87
CA VAL A 173 2.09 35.49 8.62
C VAL A 173 0.72 36.14 8.84
N GLU A 174 -0.01 35.72 9.87
CA GLU A 174 -1.36 36.24 10.10
C GLU A 174 -1.38 37.65 10.69
N ASP A 175 -0.23 38.20 11.08
CA ASP A 175 -0.17 39.57 11.61
C ASP A 175 0.38 40.56 10.61
N THR A 176 0.82 40.12 9.43
CA THR A 176 1.45 41.01 8.47
C THR A 176 0.44 41.58 7.49
N PHE A 177 -0.27 40.71 6.79
CA PHE A 177 -1.04 41.09 5.62
C PHE A 177 -2.40 40.40 5.66
N ILE A 178 -2.75 39.83 6.82
CA ILE A 178 -4.09 39.34 7.11
C ILE A 178 -5.00 40.48 7.55
N LYS A 179 -4.55 41.28 8.53
CA LYS A 179 -5.36 42.39 9.02
C LYS A 179 -5.64 43.39 7.92
N TRP A 180 -4.69 43.60 7.02
CA TRP A 180 -4.86 44.54 5.93
C TRP A 180 -5.88 43.94 4.97
N ASN A 181 -5.95 44.49 3.77
CA ASN A 181 -7.16 44.63 2.96
C ASN A 181 -8.22 43.53 3.08
N VAL A 182 -7.91 42.29 2.72
CA VAL A 182 -8.95 41.28 2.62
C VAL A 182 -9.35 40.81 4.01
N SER A 183 -10.66 40.67 4.22
CA SER A 183 -11.17 40.26 5.52
C SER A 183 -10.77 38.82 5.82
N GLN A 184 -10.77 38.51 7.13
CA GLN A 184 -10.32 37.21 7.62
C GLN A 184 -11.21 36.06 7.19
N THR A 185 -12.42 36.33 6.68
CA THR A 185 -13.31 35.25 6.30
C THR A 185 -12.77 34.43 5.13
N LYS A 186 -12.11 35.09 4.19
CA LYS A 186 -11.56 34.43 3.01
C LYS A 186 -10.09 34.08 3.17
N ILE A 187 -9.46 34.45 4.29
CA ILE A 187 -8.04 34.18 4.46
C ILE A 187 -7.77 32.71 4.74
N ARG A 188 -8.73 32.03 5.39
CA ARG A 188 -8.57 30.59 5.60
C ARG A 188 -8.33 29.85 4.29
N ILE A 189 -8.88 30.36 3.19
CA ILE A 189 -8.60 29.77 1.88
C ILE A 189 -7.16 30.05 1.48
N ILE A 190 -6.67 31.26 1.76
CA ILE A 190 -5.28 31.59 1.42
C ILE A 190 -4.31 30.78 2.25
N SER A 191 -4.62 30.56 3.52
CA SER A 191 -3.73 29.78 4.39
C SER A 191 -3.57 28.36 3.86
N THR A 192 -4.69 27.71 3.52
CA THR A 192 -4.62 26.34 3.02
C THR A 192 -3.77 26.24 1.76
N ILE A 193 -3.71 27.32 0.97
CA ILE A 193 -2.88 27.29 -0.23
C ILE A 193 -1.41 27.35 0.15
N ILE A 194 -1.07 28.11 1.20
CA ILE A 194 0.32 28.19 1.64
C ILE A 194 0.80 26.82 2.12
N PHE A 195 -0.02 26.14 2.92
CA PHE A 195 0.36 24.81 3.39
C PHE A 195 0.65 23.85 2.25
N ILE A 196 -0.08 23.99 1.14
CA ILE A 196 0.15 23.11 0.00
C ILE A 196 1.39 23.55 -0.78
N LEU A 197 1.56 24.86 -0.97
CA LEU A 197 2.69 25.37 -1.71
C LEU A 197 4.00 24.89 -1.09
N PHE A 198 4.28 25.32 0.14
CA PHE A 198 5.50 24.89 0.81
C PHE A 198 5.56 23.37 0.92
N GLY A 199 4.49 22.75 1.38
CA GLY A 199 4.47 21.30 1.50
C GLY A 199 4.92 20.60 0.23
N CYS A 200 4.44 21.07 -0.92
CA CYS A 200 4.86 20.48 -2.18
C CYS A 200 6.33 20.74 -2.46
N VAL A 201 6.83 21.92 -2.09
CA VAL A 201 8.21 22.27 -2.38
C VAL A 201 9.16 21.44 -1.54
N LEU A 202 8.97 21.44 -0.22
CA LEU A 202 9.87 20.73 0.68
C LEU A 202 9.76 19.23 0.50
N PHE A 203 8.54 18.70 0.50
CA PHE A 203 8.31 17.28 0.61
C PHE A 203 8.14 16.58 -0.74
N VAL A 204 8.00 17.34 -1.83
CA VAL A 204 7.82 16.75 -3.15
C VAL A 204 8.90 17.29 -4.09
N ALA A 205 8.96 18.61 -4.23
CA ALA A 205 9.88 19.22 -5.18
C ALA A 205 11.33 18.88 -4.86
N LEU A 206 11.80 19.29 -3.68
CA LEU A 206 13.19 19.08 -3.29
C LEU A 206 13.58 17.62 -3.47
N PRO A 207 12.89 16.68 -2.80
CA PRO A 207 13.29 15.27 -2.93
C PRO A 207 13.24 14.77 -4.36
N ALA A 208 12.27 15.24 -5.15
CA ALA A 208 12.23 14.86 -6.55
C ALA A 208 13.47 15.37 -7.29
N VAL A 209 13.85 16.62 -7.04
CA VAL A 209 15.08 17.15 -7.63
C VAL A 209 16.27 16.27 -7.26
N ILE A 210 16.39 15.93 -5.97
CA ILE A 210 17.50 15.10 -5.52
C ILE A 210 17.42 13.72 -6.15
N PHE A 211 16.22 13.13 -6.21
CA PHE A 211 16.06 11.81 -6.80
C PHE A 211 16.50 11.81 -8.26
N LYS A 212 16.19 12.88 -8.99
CA LYS A 212 16.54 12.94 -10.41
C LYS A 212 18.05 12.78 -10.60
N HIS A 213 18.83 13.66 -9.99
CA HIS A 213 20.29 13.61 -10.17
C HIS A 213 20.87 12.34 -9.57
N ILE A 214 20.71 12.16 -8.26
CA ILE A 214 21.33 11.02 -7.59
C ILE A 214 20.83 9.71 -8.18
N GLU A 215 19.52 9.54 -8.26
CA GLU A 215 18.95 8.26 -8.65
C GLU A 215 18.83 8.10 -10.16
N GLY A 216 19.01 9.18 -10.93
CA GLY A 216 18.94 9.12 -12.37
C GLY A 216 17.54 9.12 -12.95
N TRP A 217 16.53 9.43 -12.16
CA TRP A 217 15.15 9.35 -12.61
C TRP A 217 14.74 10.63 -13.33
N SER A 218 13.85 10.47 -14.30
CA SER A 218 13.32 11.63 -15.00
C SER A 218 12.48 12.49 -14.06
N ALA A 219 12.25 13.74 -14.48
CA ALA A 219 11.47 14.65 -13.66
C ALA A 219 10.12 14.06 -13.30
N LEU A 220 9.44 13.44 -14.28
CA LEU A 220 8.15 12.83 -14.01
C LEU A 220 8.29 11.60 -13.13
N ASP A 221 9.24 10.72 -13.45
CA ASP A 221 9.43 9.51 -12.65
C ASP A 221 9.76 9.85 -11.20
N ALA A 222 10.44 10.98 -10.97
CA ALA A 222 10.74 11.40 -9.60
C ALA A 222 9.45 11.66 -8.83
N ILE A 223 8.58 12.52 -9.36
CA ILE A 223 7.30 12.81 -8.70
C ILE A 223 6.46 11.55 -8.61
N TYR A 224 6.42 10.77 -9.68
CA TYR A 224 5.71 9.49 -9.66
C TYR A 224 6.13 8.65 -8.47
N PHE A 225 7.44 8.53 -8.23
CA PHE A 225 7.92 7.82 -7.05
C PHE A 225 7.40 8.47 -5.77
N VAL A 226 7.56 9.79 -5.65
CA VAL A 226 7.17 10.49 -4.43
C VAL A 226 5.73 10.18 -4.06
N VAL A 227 4.83 10.22 -5.04
CA VAL A 227 3.42 10.04 -4.75
C VAL A 227 3.11 8.58 -4.45
N ILE A 228 3.51 7.67 -5.33
CA ILE A 228 3.22 6.25 -5.13
C ILE A 228 3.86 5.72 -3.85
N THR A 229 4.83 6.45 -3.30
CA THR A 229 5.48 6.04 -2.06
C THR A 229 4.81 6.63 -0.83
N LEU A 230 4.75 7.96 -0.76
CA LEU A 230 4.17 8.62 0.41
C LEU A 230 2.67 8.40 0.53
N THR A 231 2.03 7.85 -0.50
CA THR A 231 0.65 7.38 -0.40
C THR A 231 0.57 5.95 0.09
N THR A 232 1.70 5.33 0.41
CA THR A 232 1.78 3.93 0.82
C THR A 232 1.28 2.97 -0.25
N ILE A 233 1.11 3.45 -1.48
CA ILE A 233 0.77 2.55 -2.58
C ILE A 233 1.88 1.53 -2.79
N GLY A 234 3.08 2.02 -3.11
CA GLY A 234 4.27 1.18 -3.17
C GLY A 234 4.30 0.15 -4.29
N PHE A 235 4.18 0.61 -5.53
CA PHE A 235 4.27 -0.30 -6.67
C PHE A 235 5.56 -1.09 -6.66
N GLY A 236 6.69 -0.43 -6.35
CA GLY A 236 7.98 -1.06 -6.41
C GLY A 236 8.71 -0.89 -7.73
N ASP A 237 8.07 -0.29 -8.74
CA ASP A 237 8.72 -0.04 -10.01
C ASP A 237 9.78 1.06 -9.90
N TYR A 238 9.73 1.85 -8.83
CA TYR A 238 10.75 2.86 -8.54
C TYR A 238 11.06 2.80 -7.06
N VAL A 239 12.32 2.54 -6.72
CA VAL A 239 12.76 2.43 -5.33
C VAL A 239 14.02 3.27 -5.18
N ALA A 240 13.93 4.37 -4.42
CA ALA A 240 15.09 5.21 -4.17
C ALA A 240 16.11 4.44 -3.35
N GLY A 241 17.32 4.30 -3.87
CA GLY A 241 18.33 3.48 -3.26
C GLY A 241 18.28 2.02 -3.65
N GLY A 242 17.25 1.59 -4.37
CA GLY A 242 17.12 0.21 -4.80
C GLY A 242 18.06 -0.18 -5.92
N SER A 243 18.16 0.65 -6.95
CA SER A 243 19.15 0.45 -8.01
C SER A 243 20.52 0.22 -7.38
N ASP A 244 21.36 -0.56 -8.05
CA ASP A 244 22.47 -1.17 -7.31
C ASP A 244 23.73 -0.31 -7.21
N ILE A 245 23.80 0.84 -7.86
CA ILE A 245 25.08 1.51 -8.09
C ILE A 245 25.12 2.90 -7.44
N GLU A 246 26.17 3.12 -6.64
CA GLU A 246 26.77 4.44 -6.39
C GLU A 246 25.82 5.43 -5.68
N TYR A 247 25.59 5.17 -4.40
CA TYR A 247 24.93 6.13 -3.53
C TYR A 247 25.97 6.82 -2.65
N LEU A 248 25.59 7.98 -2.11
CA LEU A 248 26.45 8.74 -1.23
C LEU A 248 26.31 8.20 0.19
N ASP A 249 27.21 8.64 1.08
CA ASP A 249 27.29 8.02 2.40
C ASP A 249 26.02 8.25 3.21
N PHE A 250 25.46 9.46 3.12
CA PHE A 250 24.32 9.84 3.96
C PHE A 250 23.03 9.89 3.16
N TYR A 251 23.04 9.37 1.92
CA TYR A 251 21.85 9.44 1.09
C TYR A 251 20.70 8.62 1.68
N LYS A 252 20.96 7.35 1.98
CA LYS A 252 19.89 6.49 2.50
C LYS A 252 19.29 7.01 3.79
N PRO A 253 20.07 7.41 4.80
CA PRO A 253 19.46 7.94 6.03
C PRO A 253 18.55 9.13 5.79
N VAL A 254 18.83 9.96 4.77
CA VAL A 254 18.03 11.15 4.56
C VAL A 254 16.67 10.80 3.95
N VAL A 255 16.59 9.73 3.16
CA VAL A 255 15.30 9.33 2.60
C VAL A 255 14.40 8.77 3.70
N TRP A 256 14.96 8.02 4.64
CA TRP A 256 14.20 7.57 5.81
C TRP A 256 13.51 8.74 6.48
N PHE A 257 14.27 9.78 6.84
CA PHE A 257 13.67 10.95 7.48
C PHE A 257 12.63 11.59 6.57
N TRP A 258 12.94 11.72 5.28
CA TRP A 258 11.95 12.21 4.33
C TRP A 258 10.66 11.40 4.39
N ILE A 259 10.76 10.09 4.54
CA ILE A 259 9.57 9.24 4.55
C ILE A 259 8.78 9.46 5.83
N LEU A 260 9.46 9.42 6.98
CA LEU A 260 8.78 9.67 8.25
C LEU A 260 7.99 10.98 8.21
N VAL A 261 8.61 12.03 7.69
CA VAL A 261 7.92 13.31 7.62
C VAL A 261 7.08 13.40 6.35
N GLY A 262 7.50 12.71 5.29
CA GLY A 262 6.71 12.73 4.05
C GLY A 262 5.37 12.05 4.21
N LEU A 263 5.37 10.82 4.73
CA LEU A 263 4.12 10.09 4.92
C LEU A 263 3.14 10.91 5.76
N ALA A 264 3.65 11.67 6.73
CA ALA A 264 2.79 12.51 7.54
C ALA A 264 2.18 13.64 6.72
N TYR A 265 2.95 14.21 5.78
CA TYR A 265 2.43 15.30 4.97
C TYR A 265 1.25 14.84 4.13
N PHE A 266 1.42 13.79 3.34
CA PHE A 266 0.28 13.29 2.55
C PHE A 266 -0.83 12.81 3.46
N ALA A 267 -0.50 12.30 4.66
CA ALA A 267 -1.53 11.95 5.62
C ALA A 267 -2.50 13.12 5.82
N ALA A 268 -1.95 14.31 6.05
CA ALA A 268 -2.80 15.49 6.17
C ALA A 268 -3.39 15.89 4.84
N VAL A 269 -2.56 15.92 3.79
CA VAL A 269 -3.04 16.28 2.45
C VAL A 269 -4.22 15.41 2.06
N LEU A 270 -4.03 14.09 2.13
CA LEU A 270 -5.10 13.17 1.79
C LEU A 270 -6.34 13.43 2.65
N SER A 271 -6.13 13.77 3.92
CA SER A 271 -7.26 14.11 4.78
C SER A 271 -7.94 15.40 4.32
N MET A 272 -7.14 16.38 3.88
CA MET A 272 -7.72 17.62 3.37
C MET A 272 -8.56 17.36 2.12
N ILE A 273 -7.97 16.71 1.12
CA ILE A 273 -8.71 16.36 -0.09
C ILE A 273 -10.01 15.65 0.28
N GLY A 274 -9.97 14.84 1.35
CA GLY A 274 -11.19 14.20 1.80
C GLY A 274 -12.26 15.20 2.20
N ASP A 275 -11.87 16.23 2.94
CA ASP A 275 -12.85 17.22 3.40
C ASP A 275 -13.36 18.05 2.23
N TRP A 276 -12.49 18.40 1.27
CA TRP A 276 -12.95 19.03 0.04
C TRP A 276 -14.11 18.25 -0.56
N LEU A 277 -14.01 16.92 -0.54
CA LEU A 277 -15.06 16.09 -1.16
C LEU A 277 -16.36 16.16 -0.38
N ARG A 278 -16.29 16.13 0.95
CA ARG A 278 -17.51 16.23 1.74
C ARG A 278 -18.12 17.62 1.64
N VAL A 279 -17.30 18.65 1.39
CA VAL A 279 -17.83 19.98 1.13
C VAL A 279 -18.51 20.00 -0.23
N ILE A 280 -17.78 19.60 -1.28
CA ILE A 280 -18.36 19.53 -2.61
C ILE A 280 -19.56 18.58 -2.63
N ALA A 281 -19.44 17.40 -2.06
CA ALA A 281 -20.55 16.46 -2.21
C ALA A 281 -21.89 17.14 -1.91
N LYS A 282 -21.87 18.13 -1.01
CA LYS A 282 -23.09 18.85 -0.66
C LYS A 282 -23.51 19.82 -1.75
N LYS A 283 -22.55 20.59 -2.29
CA LYS A 283 -22.87 21.56 -3.33
C LYS A 283 -23.56 20.88 -4.52
N THR A 284 -23.05 19.72 -4.94
CA THR A 284 -23.68 18.99 -6.03
C THR A 284 -25.02 18.39 -5.62
N LYS A 285 -25.15 17.99 -4.36
CA LYS A 285 -26.38 17.34 -3.90
C LYS A 285 -27.53 18.34 -3.79
N GLU A 286 -27.22 19.60 -3.45
CA GLU A 286 -28.21 20.67 -3.46
C GLU A 286 -28.33 21.32 -4.82
N ALA A 287 -27.24 21.35 -5.60
CA ALA A 287 -27.35 21.77 -7.00
C ALA A 287 -28.28 20.86 -7.78
N VAL A 288 -28.34 19.57 -7.42
CA VAL A 288 -29.32 18.66 -8.01
C VAL A 288 -30.72 18.95 -7.46
N GLY A 289 -30.82 19.35 -6.19
CA GLY A 289 -32.10 19.77 -5.66
C GLY A 289 -32.58 21.07 -6.26
N GLU A 290 -31.66 21.97 -6.57
CA GLU A 290 -32.02 23.20 -7.28
C GLU A 290 -32.53 22.87 -8.68
N PHE A 291 -31.72 22.15 -9.46
CA PHE A 291 -32.10 21.82 -10.83
C PHE A 291 -33.45 21.11 -10.88
N ARG A 292 -33.72 20.24 -9.91
CA ARG A 292 -35.04 19.62 -9.85
C ARG A 292 -36.11 20.64 -9.48
N ALA A 293 -35.78 21.57 -8.58
CA ALA A 293 -36.72 22.59 -8.15
C ALA A 293 -37.22 23.43 -9.31
N HIS A 294 -36.31 23.86 -10.17
CA HIS A 294 -36.67 24.74 -11.26
C HIS A 294 -37.13 23.92 -12.47
N ALA A 295 -37.05 22.59 -12.37
CA ALA A 295 -37.99 21.75 -13.09
C ALA A 295 -39.40 21.83 -12.48
N ALA A 296 -39.49 21.88 -11.14
CA ALA A 296 -40.78 21.74 -10.47
C ALA A 296 -41.71 22.89 -10.77
N GLU A 297 -41.37 24.10 -10.33
CA GLU A 297 -42.26 25.23 -10.60
C GLU A 297 -42.35 25.54 -12.08
N TRP A 298 -41.22 25.50 -12.79
CA TRP A 298 -41.28 25.69 -14.23
C TRP A 298 -42.29 24.75 -14.86
N THR A 299 -42.54 23.60 -14.21
CA THR A 299 -43.58 22.68 -14.66
C THR A 299 -44.99 23.19 -14.35
N ALA A 300 -45.18 23.80 -13.17
CA ALA A 300 -46.50 24.26 -12.79
C ALA A 300 -46.91 25.50 -13.57
N ASN A 301 -46.00 26.28 -14.12
CA ASN A 301 -46.37 27.43 -14.93
C ASN A 301 -46.52 26.97 -16.37
N VAL A 302 -47.41 26.03 -16.57
CA VAL A 302 -47.65 25.74 -17.98
C VAL A 302 -49.07 25.26 -18.24
N SER B 16 1.32 27.56 29.94
CA SER B 16 0.61 26.29 29.89
C SER B 16 0.55 25.74 28.47
N ASP B 17 0.30 26.62 27.50
CA ASP B 17 0.22 26.19 26.10
C ASP B 17 1.54 25.56 25.65
N SER B 18 2.65 26.27 25.86
CA SER B 18 3.95 25.74 25.46
C SER B 18 4.48 24.68 26.41
N ALA B 19 3.98 24.63 27.64
CA ALA B 19 4.42 23.61 28.57
C ALA B 19 4.06 22.21 28.06
N ILE B 20 2.81 22.02 27.64
CA ILE B 20 2.40 20.72 27.14
C ILE B 20 3.11 20.39 25.83
N ASN B 21 3.41 21.41 25.02
CA ASN B 21 4.16 21.16 23.78
C ASN B 21 5.49 20.50 24.08
N VAL B 22 6.25 21.07 25.02
CA VAL B 22 7.51 20.46 25.43
C VAL B 22 7.27 19.03 25.92
N MET B 23 6.10 18.77 26.51
CA MET B 23 5.84 17.44 27.04
C MET B 23 5.53 16.43 25.93
N LYS B 24 4.88 16.90 24.85
CA LYS B 24 4.56 16.00 23.75
C LYS B 24 5.81 15.51 23.04
N TRP B 25 6.73 16.43 22.71
CA TRP B 25 7.97 16.02 22.06
C TRP B 25 8.68 14.96 22.86
N LYS B 26 8.57 15.00 24.18
CA LYS B 26 9.19 13.98 25.03
C LYS B 26 8.64 12.60 24.71
N THR B 27 7.33 12.51 24.51
CA THR B 27 6.70 11.22 24.21
C THR B 27 7.06 10.75 22.80
N VAL B 28 7.02 11.66 21.82
CA VAL B 28 7.34 11.28 20.45
C VAL B 28 8.76 10.76 20.34
N SER B 29 9.70 11.44 21.02
CA SER B 29 11.11 11.04 20.95
C SER B 29 11.30 9.61 21.46
N THR B 30 10.59 9.24 22.53
CA THR B 30 10.72 7.89 23.06
C THR B 30 10.12 6.87 22.11
N ILE B 31 8.97 7.18 21.51
CA ILE B 31 8.35 6.26 20.57
C ILE B 31 9.24 6.10 19.34
N PHE B 32 9.80 7.20 18.84
CA PHE B 32 10.77 7.13 17.76
C PHE B 32 11.85 6.10 18.06
N LEU B 33 12.49 6.21 19.24
CA LEU B 33 13.54 5.26 19.58
C LEU B 33 13.01 3.84 19.64
N VAL B 34 11.81 3.66 20.20
CA VAL B 34 11.20 2.33 20.24
C VAL B 34 11.04 1.78 18.84
N VAL B 35 10.63 2.63 17.89
CA VAL B 35 10.50 2.20 16.51
C VAL B 35 11.87 1.88 15.92
N VAL B 36 12.84 2.77 16.13
CA VAL B 36 14.20 2.49 15.68
C VAL B 36 14.65 1.11 16.14
N LEU B 37 14.47 0.84 17.43
CA LEU B 37 14.85 -0.45 17.98
C LEU B 37 14.00 -1.58 17.40
N TYR B 38 12.73 -1.31 17.10
CA TYR B 38 11.86 -2.33 16.53
C TYR B 38 12.29 -2.70 15.12
N LEU B 39 12.74 -1.72 14.34
CA LEU B 39 13.26 -2.02 13.01
C LEU B 39 14.56 -2.80 13.09
N ILE B 40 15.42 -2.46 14.04
CA ILE B 40 16.68 -3.18 14.21
C ILE B 40 16.42 -4.66 14.50
N ILE B 41 15.59 -4.93 15.51
CA ILE B 41 15.29 -6.31 15.86
C ILE B 41 14.67 -7.05 14.67
N GLY B 42 13.77 -6.37 13.95
CA GLY B 42 13.18 -7.00 12.79
C GLY B 42 14.21 -7.29 11.71
N ALA B 43 15.02 -6.30 11.37
CA ALA B 43 16.05 -6.49 10.34
C ALA B 43 16.94 -7.68 10.66
N THR B 44 17.37 -7.80 11.92
CA THR B 44 18.21 -8.92 12.31
C THR B 44 17.47 -10.24 12.20
N VAL B 45 16.15 -10.24 12.41
CA VAL B 45 15.39 -11.48 12.40
C VAL B 45 15.08 -11.93 10.97
N PHE B 46 14.89 -10.98 10.04
CA PHE B 46 14.63 -11.37 8.66
C PHE B 46 15.90 -11.86 7.97
N LYS B 47 16.97 -11.07 8.02
CA LYS B 47 18.23 -11.51 7.43
C LYS B 47 18.69 -12.83 8.04
N ALA B 48 18.40 -13.06 9.32
CA ALA B 48 18.68 -14.36 9.90
C ALA B 48 17.90 -15.46 9.20
N LEU B 49 16.66 -15.18 8.81
CA LEU B 49 15.83 -16.18 8.13
C LEU B 49 16.12 -16.24 6.64
N GLU B 50 16.24 -15.10 5.99
CA GLU B 50 16.29 -15.05 4.53
C GLU B 50 17.71 -15.15 3.98
N GLN B 51 18.72 -14.75 4.75
CA GLN B 51 20.08 -14.74 4.21
C GLN B 51 20.54 -16.11 3.77
N PRO B 52 20.37 -17.18 4.54
CA PRO B 52 20.85 -18.50 4.08
C PRO B 52 20.25 -18.92 2.74
N GLN B 53 18.92 -18.85 2.60
CA GLN B 53 18.30 -19.26 1.35
C GLN B 53 18.74 -18.38 0.18
N GLU B 54 19.03 -17.11 0.45
CA GLU B 54 19.54 -16.24 -0.61
C GLU B 54 20.88 -16.75 -1.13
N ILE B 55 21.72 -17.29 -0.23
CA ILE B 55 23.03 -17.77 -0.63
C ILE B 55 22.90 -19.06 -1.43
N SER B 56 22.17 -20.04 -0.88
CA SER B 56 22.01 -21.30 -1.60
C SER B 56 21.37 -21.10 -2.96
N GLN B 57 20.47 -20.13 -3.09
CA GLN B 57 19.85 -19.86 -4.38
C GLN B 57 20.81 -19.16 -5.32
N ARG B 58 21.64 -18.25 -4.79
CA ARG B 58 22.57 -17.51 -5.62
C ARG B 58 23.79 -18.34 -6.03
N THR B 59 24.10 -19.40 -5.28
CA THR B 59 25.18 -20.28 -5.70
C THR B 59 24.71 -21.27 -6.75
N THR B 60 23.50 -21.81 -6.59
CA THR B 60 22.98 -22.76 -7.57
C THR B 60 22.66 -22.06 -8.90
N ILE B 61 22.22 -20.80 -8.85
CA ILE B 61 21.98 -20.05 -10.08
C ILE B 61 23.29 -19.85 -10.83
N VAL B 62 24.39 -19.62 -10.10
CA VAL B 62 25.70 -19.58 -10.73
C VAL B 62 26.04 -20.93 -11.34
N ILE B 63 25.57 -22.01 -10.73
CA ILE B 63 25.77 -23.34 -11.30
C ILE B 63 24.98 -23.48 -12.60
N GLN B 64 23.83 -22.83 -12.71
CA GLN B 64 23.03 -22.90 -13.92
C GLN B 64 23.59 -22.04 -15.04
N ARG B 65 24.26 -20.93 -14.71
CA ARG B 65 24.88 -20.11 -15.74
C ARG B 65 26.15 -20.76 -16.26
N GLU B 66 27.01 -21.25 -15.36
CA GLU B 66 28.21 -21.96 -15.79
C GLU B 66 27.86 -23.20 -16.59
N LYS B 67 26.82 -23.93 -16.17
CA LYS B 67 26.40 -25.12 -16.89
C LYS B 67 26.01 -24.80 -18.33
N PHE B 68 25.46 -23.61 -18.57
CA PHE B 68 25.04 -23.20 -19.90
C PHE B 68 26.13 -22.45 -20.67
N LEU B 69 27.18 -22.01 -19.99
CA LEU B 69 28.27 -21.30 -20.68
C LEU B 69 29.06 -22.26 -21.56
N ARG B 70 29.60 -23.33 -20.96
CA ARG B 70 30.37 -24.31 -21.71
C ARG B 70 29.49 -25.23 -22.57
N ALA B 71 28.17 -25.13 -22.44
CA ALA B 71 27.29 -25.99 -23.22
C ALA B 71 27.50 -25.78 -24.72
N HIS B 72 27.42 -24.54 -25.18
CA HIS B 72 27.57 -24.22 -26.59
C HIS B 72 28.82 -23.36 -26.81
N PRO B 73 29.89 -23.91 -27.36
CA PRO B 73 31.09 -23.07 -27.60
C PRO B 73 30.84 -21.92 -28.55
N CYS B 74 29.84 -22.02 -29.42
CA CYS B 74 29.51 -21.00 -30.40
C CYS B 74 28.67 -19.85 -29.83
N VAL B 75 28.38 -19.84 -28.53
CA VAL B 75 27.61 -18.75 -27.94
C VAL B 75 28.44 -17.46 -27.95
N SER B 76 27.75 -16.33 -27.83
CA SER B 76 28.38 -15.00 -27.84
C SER B 76 28.91 -14.63 -26.48
N ASP B 77 29.85 -15.41 -25.93
CA ASP B 77 29.94 -15.57 -24.47
C ASP B 77 29.65 -14.32 -23.65
N GLN B 78 30.39 -13.23 -23.85
CA GLN B 78 30.25 -12.08 -22.98
C GLN B 78 28.91 -11.37 -23.19
N GLU B 79 28.48 -11.27 -24.45
CA GLU B 79 27.20 -10.67 -24.78
C GLU B 79 26.02 -11.50 -24.29
N LEU B 80 26.24 -12.76 -23.91
CA LEU B 80 25.14 -13.59 -23.42
C LEU B 80 24.54 -13.00 -22.16
N ASP B 81 25.38 -12.56 -21.22
CA ASP B 81 24.88 -11.98 -19.99
C ASP B 81 24.14 -10.67 -20.23
N GLU B 82 24.38 -10.02 -21.37
CA GLU B 82 23.62 -8.82 -21.71
C GLU B 82 22.20 -9.15 -22.11
N LEU B 83 21.98 -10.34 -22.69
CA LEU B 83 20.61 -10.73 -23.06
C LEU B 83 19.71 -10.81 -21.83
N ILE B 84 20.18 -11.48 -20.77
CA ILE B 84 19.38 -11.59 -19.55
C ILE B 84 18.96 -10.21 -19.06
N GLN B 85 19.89 -9.25 -19.11
CA GLN B 85 19.55 -7.88 -18.73
C GLN B 85 18.36 -7.36 -19.51
N GLN B 86 18.27 -7.72 -20.80
CA GLN B 86 17.14 -7.30 -21.61
C GLN B 86 15.86 -8.01 -21.19
N ILE B 87 15.95 -9.28 -20.82
CA ILE B 87 14.77 -10.02 -20.39
C ILE B 87 14.22 -9.45 -19.09
N VAL B 88 15.11 -9.26 -18.10
CA VAL B 88 14.68 -8.71 -16.81
C VAL B 88 14.05 -7.34 -17.01
N ALA B 89 14.69 -6.48 -17.81
CA ALA B 89 14.11 -5.18 -18.09
C ALA B 89 12.72 -5.30 -18.70
N ALA B 90 12.47 -6.37 -19.45
CA ALA B 90 11.15 -6.62 -20.01
C ALA B 90 10.22 -7.30 -19.04
N ILE B 91 10.73 -7.87 -17.94
CA ILE B 91 9.88 -8.56 -16.99
C ILE B 91 9.08 -7.59 -16.13
N ASN B 92 9.53 -6.34 -15.98
CA ASN B 92 8.74 -5.37 -15.25
C ASN B 92 7.35 -5.21 -15.85
N ALA B 93 7.24 -5.43 -17.16
CA ALA B 93 5.96 -5.48 -17.85
C ALA B 93 5.67 -6.91 -18.28
N GLY B 94 4.38 -7.24 -18.35
CA GLY B 94 3.97 -8.57 -18.74
C GLY B 94 4.59 -9.01 -20.05
N ILE B 95 5.35 -10.10 -20.02
CA ILE B 95 6.06 -10.61 -21.19
C ILE B 95 5.97 -12.12 -21.20
N ILE B 96 5.60 -12.69 -22.35
CA ILE B 96 5.51 -14.14 -22.52
C ILE B 96 6.47 -14.53 -23.64
N PRO B 97 7.78 -14.39 -23.43
CA PRO B 97 8.77 -14.67 -24.49
C PRO B 97 9.11 -16.15 -24.66
N LEU B 98 8.24 -16.86 -25.37
CA LEU B 98 8.45 -18.27 -25.65
C LEU B 98 7.97 -18.59 -27.05
N GLY B 99 8.63 -19.55 -27.69
CA GLY B 99 8.24 -19.94 -29.04
C GLY B 99 6.91 -20.66 -29.07
N ALA B 100 6.69 -21.56 -28.12
CA ALA B 100 5.43 -22.29 -28.05
C ALA B 100 4.31 -21.39 -27.54
N SER B 101 3.14 -21.51 -28.16
CA SER B 101 1.97 -20.73 -27.77
C SER B 101 2.24 -19.23 -27.89
N SER B 102 2.48 -18.80 -29.14
CA SER B 102 2.74 -17.38 -29.38
C SER B 102 1.56 -16.51 -29.01
N ASN B 103 0.35 -17.07 -28.93
CA ASN B 103 -0.79 -16.29 -28.48
C ASN B 103 -0.51 -15.68 -27.11
N GLN B 104 -1.01 -14.46 -26.90
CA GLN B 104 -0.61 -13.65 -25.77
C GLN B 104 -1.83 -12.95 -25.18
N VAL B 105 -1.91 -12.94 -23.85
CA VAL B 105 -3.02 -12.33 -23.13
C VAL B 105 -2.57 -10.97 -22.62
N SER B 106 -3.47 -9.99 -22.66
CA SER B 106 -3.16 -8.63 -22.26
C SER B 106 -3.37 -8.46 -20.77
N HIS B 107 -2.41 -7.79 -20.12
CA HIS B 107 -2.51 -7.46 -18.71
C HIS B 107 -3.11 -6.08 -18.45
N TRP B 108 -3.32 -5.28 -19.50
CA TRP B 108 -4.00 -4.00 -19.39
C TRP B 108 -5.40 -4.03 -19.99
N ASP B 109 -5.99 -5.22 -20.13
CA ASP B 109 -7.32 -5.33 -20.68
C ASP B 109 -8.34 -4.68 -19.75
N LEU B 110 -9.60 -4.69 -20.17
CA LEU B 110 -10.65 -4.04 -19.39
C LEU B 110 -10.72 -4.60 -17.97
N GLY B 111 -10.53 -5.91 -17.82
CA GLY B 111 -10.65 -6.52 -16.50
C GLY B 111 -9.46 -6.21 -15.61
N SER B 112 -8.24 -6.25 -16.15
CA SER B 112 -7.05 -6.05 -15.32
C SER B 112 -6.88 -4.59 -14.93
N SER B 113 -7.15 -3.66 -15.86
CA SER B 113 -7.04 -2.25 -15.54
C SER B 113 -8.01 -1.87 -14.41
N PHE B 114 -9.21 -2.45 -14.42
CA PHE B 114 -10.14 -2.24 -13.33
C PHE B 114 -9.53 -2.68 -12.00
N PHE B 115 -8.97 -3.90 -11.98
CA PHE B 115 -8.19 -4.34 -10.83
C PHE B 115 -7.15 -3.32 -10.42
N PHE B 116 -6.30 -2.91 -11.37
CA PHE B 116 -5.22 -1.97 -11.07
C PHE B 116 -5.75 -0.76 -10.31
N ALA B 117 -6.84 -0.16 -10.79
CA ALA B 117 -7.41 1.00 -10.11
C ALA B 117 -7.77 0.66 -8.66
N GLY B 118 -8.31 -0.53 -8.43
CA GLY B 118 -8.61 -0.93 -7.06
C GLY B 118 -7.38 -0.98 -6.18
N THR B 119 -6.25 -1.46 -6.73
CA THR B 119 -5.01 -1.47 -5.97
C THR B 119 -4.50 -0.07 -5.71
N VAL B 120 -4.85 0.89 -6.57
CA VAL B 120 -4.40 2.26 -6.37
C VAL B 120 -5.18 2.94 -5.25
N ILE B 121 -6.51 2.90 -5.32
CA ILE B 121 -7.32 3.62 -4.34
C ILE B 121 -7.30 2.97 -2.97
N THR B 122 -7.00 1.67 -2.90
CA THR B 122 -6.85 0.98 -1.62
C THR B 122 -5.42 1.03 -1.09
N THR B 123 -4.51 1.65 -1.83
CA THR B 123 -3.09 1.73 -1.43
C THR B 123 -2.51 0.36 -1.14
N ILE B 124 -3.04 -0.68 -1.78
CA ILE B 124 -2.41 -1.99 -1.69
C ILE B 124 -1.21 -2.06 -2.62
N GLY B 125 -1.38 -1.62 -3.86
CA GLY B 125 -0.29 -1.50 -4.81
C GLY B 125 0.56 -2.74 -4.96
N PHE B 126 -0.03 -3.85 -5.41
CA PHE B 126 0.75 -5.05 -5.66
C PHE B 126 1.90 -4.78 -6.61
N GLY B 127 1.76 -3.78 -7.47
CA GLY B 127 2.82 -3.39 -8.39
C GLY B 127 3.10 -4.35 -9.52
N ASN B 128 2.50 -5.54 -9.52
CA ASN B 128 2.76 -6.50 -10.59
C ASN B 128 2.54 -5.88 -11.97
N ILE B 129 1.56 -4.99 -12.09
CA ILE B 129 1.27 -4.30 -13.34
C ILE B 129 1.10 -2.82 -13.02
N SER B 130 2.03 -2.01 -13.48
CA SER B 130 2.04 -0.57 -13.23
C SER B 130 2.19 0.18 -14.54
N PRO B 131 1.81 1.45 -14.57
CA PRO B 131 1.83 2.19 -15.84
C PRO B 131 3.25 2.37 -16.36
N ARG B 132 3.41 2.11 -17.67
CA ARG B 132 4.68 2.32 -18.35
C ARG B 132 4.73 3.65 -19.08
N THR B 133 3.60 4.34 -19.23
CA THR B 133 3.48 5.52 -20.06
C THR B 133 3.54 6.79 -19.21
N GLU B 134 4.20 7.81 -19.75
CA GLU B 134 4.27 9.10 -19.06
C GLU B 134 2.87 9.68 -18.81
N GLY B 135 1.93 9.37 -19.69
CA GLY B 135 0.57 9.83 -19.51
C GLY B 135 -0.15 9.04 -18.43
N GLY B 136 -0.03 7.71 -18.47
CA GLY B 136 -0.63 6.90 -17.43
C GLY B 136 -0.10 7.24 -16.05
N LYS B 137 1.20 7.54 -15.96
CA LYS B 137 1.79 7.94 -14.69
C LYS B 137 1.17 9.23 -14.18
N ILE B 138 1.00 10.21 -15.07
CA ILE B 138 0.41 11.49 -14.64
C ILE B 138 -1.05 11.31 -14.26
N PHE B 139 -1.76 10.40 -14.93
CA PHE B 139 -3.14 10.13 -14.54
C PHE B 139 -3.21 9.32 -13.25
N CYS B 140 -2.26 8.40 -13.07
CA CYS B 140 -2.22 7.64 -11.82
C CYS B 140 -2.05 8.57 -10.62
N ILE B 141 -1.17 9.57 -10.74
CA ILE B 141 -0.97 10.53 -9.66
C ILE B 141 -2.30 11.21 -9.31
N ILE B 142 -2.92 11.85 -10.31
CA ILE B 142 -4.22 12.48 -10.09
C ILE B 142 -5.22 11.46 -9.57
N TYR B 143 -5.25 10.28 -10.20
CA TYR B 143 -6.26 9.29 -9.86
C TYR B 143 -6.19 8.93 -8.38
N ALA B 144 -4.99 8.65 -7.87
CA ALA B 144 -4.84 8.28 -6.47
C ALA B 144 -5.15 9.44 -5.54
N LEU B 145 -4.57 10.61 -5.82
CA LEU B 145 -4.77 11.77 -4.96
C LEU B 145 -6.25 12.02 -4.69
N LEU B 146 -7.08 11.91 -5.72
CA LEU B 146 -8.52 11.99 -5.54
C LEU B 146 -9.12 10.65 -5.17
N GLY B 147 -8.58 9.56 -5.73
CA GLY B 147 -9.17 8.26 -5.51
C GLY B 147 -9.05 7.78 -4.07
N ILE B 148 -7.86 7.90 -3.49
CA ILE B 148 -7.60 7.38 -2.15
C ILE B 148 -8.58 8.00 -1.16
N PRO B 149 -8.61 9.33 -0.99
CA PRO B 149 -9.58 9.92 -0.06
C PRO B 149 -11.01 9.48 -0.33
N LEU B 150 -11.41 9.36 -1.60
CA LEU B 150 -12.76 8.91 -1.91
C LEU B 150 -13.02 7.52 -1.32
N PHE B 151 -12.21 6.54 -1.72
CA PHE B 151 -12.34 5.20 -1.17
C PHE B 151 -12.30 5.20 0.35
N GLY B 152 -11.69 6.22 0.96
CA GLY B 152 -11.69 6.30 2.41
C GLY B 152 -13.08 6.38 3.00
N PHE B 153 -13.94 7.20 2.40
CA PHE B 153 -15.31 7.32 2.88
C PHE B 153 -16.06 6.00 2.75
N LEU B 154 -15.93 5.34 1.60
CA LEU B 154 -16.56 4.03 1.41
C LEU B 154 -16.15 3.07 2.51
N LEU B 155 -14.84 2.89 2.70
CA LEU B 155 -14.36 1.98 3.73
C LEU B 155 -14.94 2.32 5.10
N ALA B 156 -15.03 3.62 5.42
CA ALA B 156 -15.65 4.01 6.68
C ALA B 156 -17.13 3.64 6.71
N GLY B 157 -17.84 3.88 5.61
CA GLY B 157 -19.23 3.47 5.54
C GLY B 157 -19.40 1.98 5.71
N VAL B 158 -18.57 1.19 5.02
CA VAL B 158 -18.61 -0.25 5.17
C VAL B 158 -18.15 -0.66 6.57
N GLY B 159 -17.31 0.15 7.19
CA GLY B 159 -16.96 -0.10 8.58
C GLY B 159 -18.14 0.10 9.51
N ASP B 160 -18.93 1.15 9.25
CA ASP B 160 -20.11 1.41 10.08
C ASP B 160 -21.16 0.33 9.91
N GLN B 161 -21.54 0.05 8.66
CA GLN B 161 -22.52 -1.01 8.39
C GLN B 161 -22.11 -2.32 9.06
N LEU B 162 -20.93 -2.82 8.71
CA LEU B 162 -20.47 -4.08 9.29
C LEU B 162 -20.42 -4.01 10.81
N GLY B 163 -20.20 -2.82 11.36
CA GLY B 163 -20.15 -2.70 12.82
C GLY B 163 -21.52 -2.84 13.46
N THR B 164 -22.52 -2.15 12.92
CA THR B 164 -23.86 -2.26 13.47
C THR B 164 -24.40 -3.68 13.36
N ILE B 165 -24.15 -4.34 12.23
CA ILE B 165 -24.56 -5.73 12.07
C ILE B 165 -23.95 -6.59 13.16
N PHE B 166 -22.78 -6.19 13.67
CA PHE B 166 -22.18 -6.89 14.80
C PHE B 166 -22.83 -6.50 16.12
N GLY B 167 -23.13 -5.21 16.30
CA GLY B 167 -23.84 -4.79 17.50
C GLY B 167 -25.17 -5.49 17.67
N LYS B 168 -25.80 -5.89 16.55
CA LYS B 168 -27.04 -6.66 16.64
C LYS B 168 -26.75 -8.09 17.08
N GLY B 169 -25.63 -8.65 16.65
CA GLY B 169 -25.30 -10.02 17.03
C GLY B 169 -24.90 -10.16 18.48
N ILE B 170 -24.17 -9.18 19.01
CA ILE B 170 -23.76 -9.26 20.40
C ILE B 170 -24.91 -8.91 21.34
N ALA B 171 -25.85 -8.07 20.88
CA ALA B 171 -27.06 -7.84 21.66
C ALA B 171 -27.85 -9.13 21.88
N LYS B 172 -27.63 -10.14 21.04
CA LYS B 172 -28.27 -11.43 21.21
C LYS B 172 -27.58 -12.27 22.28
N VAL B 173 -26.25 -12.26 22.30
CA VAL B 173 -25.50 -13.09 23.23
C VAL B 173 -25.35 -12.45 24.60
N GLU B 174 -25.55 -11.13 24.70
CA GLU B 174 -25.38 -10.45 25.99
C GLU B 174 -26.55 -10.69 26.93
N ASP B 175 -27.68 -11.17 26.43
CA ASP B 175 -28.78 -11.59 27.30
C ASP B 175 -28.80 -13.10 27.52
N THR B 176 -27.91 -13.85 26.88
CA THR B 176 -27.89 -15.30 27.02
C THR B 176 -26.91 -15.75 28.10
N PHE B 177 -25.63 -15.43 27.94
CA PHE B 177 -24.64 -15.78 28.96
C PHE B 177 -24.78 -14.92 30.20
N ILE B 178 -25.47 -13.79 30.11
CA ILE B 178 -25.62 -12.90 31.25
C ILE B 178 -26.37 -13.61 32.36
N LYS B 179 -25.84 -13.55 33.57
CA LYS B 179 -26.49 -14.12 34.74
C LYS B 179 -26.43 -13.12 35.88
N TRP B 180 -26.84 -13.52 37.08
CA TRP B 180 -26.77 -12.59 38.19
C TRP B 180 -25.32 -12.49 38.66
N ASN B 181 -25.01 -11.37 39.32
CA ASN B 181 -23.65 -11.12 39.80
C ASN B 181 -22.66 -11.06 38.63
N VAL B 182 -22.88 -10.08 37.75
CA VAL B 182 -22.03 -9.87 36.59
C VAL B 182 -21.48 -8.45 36.62
N SER B 183 -20.31 -8.27 36.01
CA SER B 183 -19.66 -6.97 35.92
C SER B 183 -19.69 -6.48 34.49
N GLN B 184 -19.98 -5.18 34.32
CA GLN B 184 -20.06 -4.61 32.99
C GLN B 184 -18.69 -4.48 32.33
N THR B 185 -17.64 -4.24 33.12
CA THR B 185 -16.32 -4.03 32.54
C THR B 185 -15.69 -5.32 32.06
N LYS B 186 -15.97 -6.44 32.74
CA LYS B 186 -15.36 -7.71 32.36
C LYS B 186 -16.01 -8.33 31.14
N ILE B 187 -17.30 -8.06 30.91
CA ILE B 187 -17.98 -8.64 29.76
C ILE B 187 -17.46 -8.05 28.46
N ARG B 188 -16.95 -6.82 28.51
CA ARG B 188 -16.37 -6.22 27.30
C ARG B 188 -15.23 -7.08 26.75
N ILE B 189 -14.45 -7.70 27.64
CA ILE B 189 -13.39 -8.60 27.20
C ILE B 189 -13.98 -9.78 26.43
N ILE B 190 -15.15 -10.25 26.85
CA ILE B 190 -15.79 -11.36 26.17
C ILE B 190 -16.16 -10.98 24.75
N SER B 191 -16.79 -9.81 24.59
CA SER B 191 -17.19 -9.35 23.27
C SER B 191 -15.99 -9.16 22.35
N THR B 192 -14.95 -8.48 22.86
CA THR B 192 -13.75 -8.27 22.05
C THR B 192 -13.19 -9.58 21.52
N ILE B 193 -13.36 -10.67 22.27
CA ILE B 193 -12.84 -11.96 21.83
C ILE B 193 -13.70 -12.53 20.70
N ILE B 194 -15.02 -12.46 20.85
CA ILE B 194 -15.91 -13.00 19.82
C ILE B 194 -15.76 -12.20 18.53
N PHE B 195 -15.55 -10.89 18.64
CA PHE B 195 -15.26 -10.09 17.45
C PHE B 195 -14.05 -10.63 16.71
N ILE B 196 -12.97 -10.90 17.45
CA ILE B 196 -11.77 -11.47 16.83
C ILE B 196 -12.09 -12.85 16.25
N LEU B 197 -12.77 -13.69 17.04
CA LEU B 197 -13.01 -15.07 16.64
C LEU B 197 -13.75 -15.15 15.30
N PHE B 198 -14.99 -14.67 15.27
CA PHE B 198 -15.76 -14.70 14.03
C PHE B 198 -15.08 -13.90 12.92
N GLY B 199 -14.39 -12.82 13.28
CA GLY B 199 -13.66 -12.04 12.30
C GLY B 199 -12.64 -12.85 11.54
N CYS B 200 -11.70 -13.45 12.27
CA CYS B 200 -10.66 -14.27 11.62
C CYS B 200 -11.25 -15.45 10.86
N VAL B 201 -12.46 -15.88 11.21
CA VAL B 201 -13.08 -17.01 10.52
C VAL B 201 -13.56 -16.58 9.14
N LEU B 202 -14.42 -15.56 9.10
CA LEU B 202 -15.05 -15.17 7.83
C LEU B 202 -14.06 -14.46 6.91
N PHE B 203 -13.23 -13.57 7.46
CA PHE B 203 -12.39 -12.72 6.64
C PHE B 203 -10.97 -13.24 6.50
N VAL B 204 -10.60 -14.26 7.27
CA VAL B 204 -9.25 -14.82 7.20
C VAL B 204 -9.33 -16.31 6.91
N ALA B 205 -9.98 -17.07 7.80
CA ALA B 205 -10.03 -18.52 7.66
C ALA B 205 -10.73 -18.92 6.37
N LEU B 206 -11.98 -18.49 6.19
CA LEU B 206 -12.73 -18.84 4.99
C LEU B 206 -12.00 -18.45 3.72
N PRO B 207 -11.67 -17.18 3.49
CA PRO B 207 -11.02 -16.81 2.23
C PRO B 207 -9.68 -17.51 2.03
N ALA B 208 -8.94 -17.79 3.10
CA ALA B 208 -7.68 -18.51 2.96
C ALA B 208 -7.90 -19.89 2.36
N VAL B 209 -8.88 -20.62 2.86
CA VAL B 209 -9.15 -21.97 2.36
C VAL B 209 -9.51 -21.93 0.88
N ILE B 210 -10.34 -20.97 0.48
CA ILE B 210 -10.70 -20.85 -0.92
C ILE B 210 -9.47 -20.53 -1.76
N PHE B 211 -8.60 -19.66 -1.26
CA PHE B 211 -7.37 -19.33 -1.97
C PHE B 211 -6.50 -20.56 -2.17
N LYS B 212 -6.47 -21.45 -1.18
CA LYS B 212 -5.66 -22.66 -1.30
C LYS B 212 -6.11 -23.51 -2.47
N HIS B 213 -7.40 -23.84 -2.52
CA HIS B 213 -7.90 -24.77 -3.53
C HIS B 213 -7.90 -24.11 -4.91
N ILE B 214 -8.61 -22.99 -5.06
CA ILE B 214 -8.78 -22.38 -6.37
C ILE B 214 -7.45 -21.88 -6.92
N GLU B 215 -6.67 -21.19 -6.08
CA GLU B 215 -5.47 -20.52 -6.55
C GLU B 215 -4.23 -21.41 -6.49
N GLY B 216 -4.31 -22.56 -5.82
CA GLY B 216 -3.18 -23.46 -5.72
C GLY B 216 -2.18 -23.12 -4.63
N TRP B 217 -2.51 -22.20 -3.74
CA TRP B 217 -1.58 -21.75 -2.71
C TRP B 217 -1.56 -22.72 -1.54
N SER B 218 -0.46 -22.67 -0.79
CA SER B 218 -0.38 -23.43 0.45
C SER B 218 -1.15 -22.70 1.55
N ALA B 219 -1.49 -23.46 2.60
CA ALA B 219 -2.24 -22.88 3.71
C ALA B 219 -1.57 -21.64 4.26
N LEU B 220 -0.23 -21.65 4.32
CA LEU B 220 0.49 -20.49 4.83
C LEU B 220 0.51 -19.35 3.83
N ASP B 221 0.71 -19.67 2.54
CA ASP B 221 0.74 -18.62 1.53
C ASP B 221 -0.60 -17.90 1.44
N ALA B 222 -1.70 -18.61 1.68
CA ALA B 222 -3.01 -17.97 1.68
C ALA B 222 -3.15 -16.99 2.83
N ILE B 223 -2.87 -17.44 4.06
CA ILE B 223 -2.89 -16.54 5.20
C ILE B 223 -1.91 -15.39 5.00
N TYR B 224 -0.71 -15.71 4.53
CA TYR B 224 0.28 -14.69 4.19
C TYR B 224 -0.32 -13.64 3.26
N PHE B 225 -0.87 -14.09 2.13
CA PHE B 225 -1.54 -13.17 1.20
C PHE B 225 -2.58 -12.32 1.92
N VAL B 226 -3.47 -12.97 2.67
CA VAL B 226 -4.55 -12.24 3.35
C VAL B 226 -3.98 -11.11 4.20
N VAL B 227 -3.04 -11.44 5.08
CA VAL B 227 -2.48 -10.44 5.98
C VAL B 227 -1.78 -9.34 5.19
N ILE B 228 -0.94 -9.74 4.22
CA ILE B 228 -0.21 -8.74 3.45
C ILE B 228 -1.16 -7.86 2.65
N THR B 229 -2.30 -8.42 2.24
CA THR B 229 -3.25 -7.66 1.42
C THR B 229 -4.11 -6.74 2.27
N LEU B 230 -4.88 -7.32 3.21
CA LEU B 230 -5.84 -6.53 3.96
C LEU B 230 -5.18 -5.55 4.92
N THR B 231 -3.88 -5.65 5.14
CA THR B 231 -3.13 -4.60 5.83
C THR B 231 -2.64 -3.51 4.89
N THR B 232 -2.91 -3.66 3.59
CA THR B 232 -2.51 -2.70 2.55
C THR B 232 -1.01 -2.62 2.36
N ILE B 233 -0.27 -3.66 2.75
CA ILE B 233 1.16 -3.69 2.48
C ILE B 233 1.41 -3.93 0.99
N GLY B 234 0.85 -5.01 0.45
CA GLY B 234 0.83 -5.23 -0.98
C GLY B 234 2.18 -5.48 -1.63
N PHE B 235 2.91 -6.49 -1.16
CA PHE B 235 4.16 -6.87 -1.81
C PHE B 235 3.95 -7.12 -3.30
N GLY B 236 2.99 -7.98 -3.64
CA GLY B 236 2.76 -8.40 -5.01
C GLY B 236 3.25 -9.80 -5.30
N ASP B 237 3.99 -10.42 -4.37
CA ASP B 237 4.47 -11.79 -4.57
C ASP B 237 3.33 -12.80 -4.65
N TYR B 238 2.15 -12.45 -4.12
CA TYR B 238 0.97 -13.29 -4.22
C TYR B 238 -0.23 -12.40 -4.54
N VAL B 239 -0.96 -12.75 -5.60
CA VAL B 239 -2.12 -11.97 -6.02
C VAL B 239 -3.23 -12.93 -6.39
N ALA B 240 -4.34 -12.88 -5.66
CA ALA B 240 -5.48 -13.75 -5.94
C ALA B 240 -6.07 -13.39 -7.30
N GLY B 241 -6.14 -14.36 -8.19
CA GLY B 241 -6.63 -14.13 -9.54
C GLY B 241 -5.57 -13.69 -10.53
N GLY B 242 -4.30 -13.68 -10.15
CA GLY B 242 -3.25 -13.23 -11.02
C GLY B 242 -2.98 -14.15 -12.20
N SER B 243 -2.66 -15.41 -11.91
CA SER B 243 -2.41 -16.37 -12.98
C SER B 243 -3.69 -16.64 -13.76
N ASP B 244 -3.52 -16.99 -15.04
CA ASP B 244 -4.59 -17.02 -16.02
C ASP B 244 -5.73 -18.00 -15.71
N ILE B 245 -5.60 -18.85 -14.70
CA ILE B 245 -5.92 -20.25 -14.90
C ILE B 245 -7.28 -20.46 -15.56
N GLU B 246 -8.37 -20.42 -14.77
CA GLU B 246 -9.71 -20.45 -15.37
C GLU B 246 -10.64 -19.40 -14.75
N TYR B 247 -10.72 -19.38 -13.42
CA TYR B 247 -11.45 -18.33 -12.74
C TYR B 247 -12.94 -18.30 -13.11
N LEU B 248 -13.69 -19.25 -12.55
CA LEU B 248 -15.10 -19.50 -12.86
C LEU B 248 -15.89 -18.22 -13.11
N ASP B 249 -15.44 -17.10 -12.55
CA ASP B 249 -16.07 -15.79 -12.57
C ASP B 249 -17.16 -15.68 -11.51
N PHE B 250 -17.47 -16.76 -10.80
CA PHE B 250 -18.15 -16.68 -9.51
C PHE B 250 -17.15 -16.31 -8.42
N TYR B 251 -15.88 -16.19 -8.78
CA TYR B 251 -14.76 -16.03 -7.84
C TYR B 251 -14.25 -14.59 -7.76
N LYS B 252 -13.80 -14.03 -8.88
CA LYS B 252 -13.23 -12.68 -8.87
C LYS B 252 -14.16 -11.65 -8.25
N PRO B 253 -15.43 -11.57 -8.61
CA PRO B 253 -16.32 -10.60 -7.94
C PRO B 253 -16.33 -10.77 -6.43
N VAL B 254 -16.34 -12.01 -5.94
CA VAL B 254 -16.31 -12.25 -4.50
C VAL B 254 -15.06 -11.61 -3.89
N VAL B 255 -13.90 -11.86 -4.51
CA VAL B 255 -12.65 -11.33 -3.97
C VAL B 255 -12.74 -9.81 -3.81
N TRP B 256 -13.26 -9.13 -4.83
CA TRP B 256 -13.50 -7.69 -4.71
C TRP B 256 -14.29 -7.36 -3.46
N PHE B 257 -15.41 -8.05 -3.23
CA PHE B 257 -16.23 -7.77 -2.06
C PHE B 257 -15.46 -8.06 -0.78
N TRP B 258 -14.86 -9.26 -0.68
CA TRP B 258 -14.00 -9.57 0.45
C TRP B 258 -13.04 -8.44 0.77
N ILE B 259 -12.44 -7.86 -0.27
CA ILE B 259 -11.48 -6.77 -0.06
C ILE B 259 -12.15 -5.59 0.63
N LEU B 260 -13.31 -5.18 0.13
CA LEU B 260 -14.04 -4.07 0.74
C LEU B 260 -14.26 -4.30 2.22
N VAL B 261 -14.72 -5.49 2.60
CA VAL B 261 -15.01 -5.76 3.99
C VAL B 261 -13.74 -6.18 4.74
N GLY B 262 -12.91 -7.02 4.11
CA GLY B 262 -11.67 -7.42 4.75
C GLY B 262 -10.79 -6.24 5.13
N LEU B 263 -10.71 -5.23 4.26
CA LEU B 263 -10.03 -4.00 4.63
C LEU B 263 -10.72 -3.32 5.79
N ALA B 264 -12.07 -3.30 5.77
CA ALA B 264 -12.81 -2.74 6.89
C ALA B 264 -12.48 -3.47 8.19
N TYR B 265 -12.39 -4.80 8.14
CA TYR B 265 -12.11 -5.59 9.34
C TYR B 265 -10.76 -5.22 9.93
N PHE B 266 -9.68 -5.45 9.18
CA PHE B 266 -8.35 -5.15 9.72
C PHE B 266 -8.22 -3.71 10.21
N ALA B 267 -8.91 -2.77 9.54
CA ALA B 267 -8.88 -1.39 10.01
C ALA B 267 -9.23 -1.32 11.49
N ALA B 268 -10.32 -1.99 11.88
CA ALA B 268 -10.69 -2.04 13.29
C ALA B 268 -9.70 -2.88 14.08
N VAL B 269 -9.35 -4.06 13.57
CA VAL B 269 -8.40 -4.93 14.25
C VAL B 269 -7.11 -4.18 14.55
N LEU B 270 -6.48 -3.65 13.50
CA LEU B 270 -5.25 -2.90 13.68
C LEU B 270 -5.43 -1.76 14.68
N SER B 271 -6.60 -1.12 14.66
CA SER B 271 -6.85 -0.04 15.61
C SER B 271 -7.01 -0.58 17.02
N MET B 272 -7.47 -1.82 17.16
CA MET B 272 -7.53 -2.45 18.49
C MET B 272 -6.13 -2.69 19.03
N ILE B 273 -5.29 -3.40 18.25
CA ILE B 273 -3.93 -3.68 18.68
C ILE B 273 -3.25 -2.41 19.18
N GLY B 274 -3.43 -1.30 18.46
CA GLY B 274 -2.88 -0.04 18.94
C GLY B 274 -3.36 0.31 20.33
N ASP B 275 -4.63 0.04 20.63
CA ASP B 275 -5.13 0.28 21.97
C ASP B 275 -4.45 -0.62 22.99
N TRP B 276 -4.26 -1.89 22.65
CA TRP B 276 -3.52 -2.79 23.53
C TRP B 276 -2.11 -2.28 23.78
N LEU B 277 -1.38 -1.98 22.70
CA LEU B 277 -0.03 -1.44 22.82
C LEU B 277 -0.03 -0.22 23.75
N ARG B 278 -0.96 0.72 23.51
CA ARG B 278 -1.11 1.86 24.40
C ARG B 278 -1.31 1.40 25.84
N VAL B 279 -2.09 0.34 26.05
CA VAL B 279 -2.30 -0.19 27.40
C VAL B 279 -1.00 -0.77 27.94
N ILE B 280 -0.38 -1.68 27.19
CA ILE B 280 0.88 -2.28 27.63
C ILE B 280 1.93 -1.22 27.90
N ALA B 281 1.67 -0.02 27.29
CA ALA B 281 2.51 1.16 27.44
C ALA B 281 2.37 1.77 28.83
N LYS B 282 1.15 1.87 29.37
CA LYS B 282 0.99 2.42 30.70
C LYS B 282 1.44 1.42 31.77
N LYS B 283 1.02 0.16 31.62
CA LYS B 283 1.41 -0.86 32.60
C LYS B 283 2.92 -0.95 32.72
N THR B 284 3.64 -0.92 31.60
CA THR B 284 5.09 -0.96 31.65
C THR B 284 5.68 0.34 32.19
N LYS B 285 5.02 1.47 31.92
CA LYS B 285 5.54 2.76 32.35
C LYS B 285 5.42 2.95 33.85
N GLU B 286 4.37 2.39 34.46
CA GLU B 286 4.23 2.39 35.90
C GLU B 286 4.93 1.19 36.54
N ALA B 287 5.04 0.08 35.81
CA ALA B 287 5.87 -1.02 36.28
C ALA B 287 7.33 -0.59 36.40
N VAL B 288 7.76 0.34 35.54
CA VAL B 288 9.09 0.91 35.70
C VAL B 288 9.13 1.88 36.87
N GLY B 289 8.02 2.59 37.12
CA GLY B 289 7.95 3.45 38.29
C GLY B 289 7.90 2.65 39.58
N GLU B 290 7.25 1.48 39.54
CA GLU B 290 7.29 0.56 40.68
C GLU B 290 8.70 0.07 40.93
N PHE B 291 9.31 -0.53 39.92
CA PHE B 291 10.66 -1.08 40.08
C PHE B 291 11.63 -0.03 40.57
N ARG B 292 11.51 1.20 40.09
CA ARG B 292 12.34 2.26 40.64
C ARG B 292 11.98 2.56 42.08
N ALA B 293 10.68 2.53 42.41
CA ALA B 293 10.24 2.79 43.77
C ALA B 293 10.88 1.82 44.77
N HIS B 294 10.98 0.53 44.42
CA HIS B 294 11.38 -0.46 45.43
C HIS B 294 12.73 -1.06 45.21
N ALA B 295 12.87 -2.12 44.40
CA ALA B 295 13.95 -2.68 43.57
C ALA B 295 15.35 -2.59 44.14
N ALA B 296 15.53 -1.80 45.20
CA ALA B 296 16.85 -1.41 45.66
C ALA B 296 17.11 -2.00 47.03
N GLU B 297 16.23 -1.72 47.98
CA GLU B 297 16.14 -2.53 49.17
C GLU B 297 17.35 -2.34 50.09
#